data_5Q11
#
_entry.id   5Q11
#
_cell.length_a   92.706
_cell.length_b   92.706
_cell.length_c   46.397
_cell.angle_alpha   90.000
_cell.angle_beta   90.000
_cell.angle_gamma   120.000
#
_symmetry.space_group_name_H-M   'P 65'
#
loop_
_entity.id
_entity.type
_entity.pdbx_description
1 polymer 'Bile acid receptor'
2 polymer 'COACTIVATOR PEPTIDE SRC-1 HD3'
3 non-polymer N,N-dicyclohexyl-3-(2,4-dichlorophenyl)-5-methyl-1,2-oxazole-4-carboxamide
4 water water
#
loop_
_entity_poly.entity_id
_entity_poly.type
_entity_poly.pdbx_seq_one_letter_code
_entity_poly.pdbx_strand_id
1 'polypeptide(L)'
;GSHMELTPDQQTLLHFIMDSYNKQRMPQEITNKILKEAFSAEENFLILTEMATNHVQVLVEFTKKLPGFQTLDHEDQIAL
LKGSAVEAMFLRSAEIFNKKLPSGHSDLLEARIRNSGISDEYITPMFSFYKSIGELKMTQEEYALLTAIVILSPDRQYIK
DREAVEKLQEPLLDVLQKLCKIHQPENPQHFACLLGRLTELRTFNHHHAEMLMSWRVNDHKFTPLLCEIWDVQ
;
A
2 'polypeptide(L)' KDHQLLRYLLDKDE B
#
loop_
_chem_comp.id
_chem_comp.type
_chem_comp.name
_chem_comp.formula
9M7 non-polymer N,N-dicyclohexyl-3-(2,4-dichlorophenyl)-5-methyl-1,2-oxazole-4-carboxamide 'C23 H28 Cl2 N2 O2'
#
# COMPACT_ATOMS: atom_id res chain seq x y z
N MET A 4 17.21 -18.00 15.73
CA MET A 4 18.33 -17.06 15.74
C MET A 4 18.41 -16.20 14.47
N GLU A 5 18.45 -16.84 13.28
CA GLU A 5 18.57 -16.13 11.98
C GLU A 5 17.68 -16.70 10.87
N LEU A 6 17.54 -15.94 9.76
CA LEU A 6 16.76 -16.35 8.59
C LEU A 6 17.46 -17.50 7.87
N THR A 7 16.69 -18.48 7.42
CA THR A 7 17.21 -19.60 6.64
C THR A 7 17.63 -19.09 5.23
N PRO A 8 18.49 -19.80 4.46
CA PRO A 8 18.82 -19.34 3.09
C PRO A 8 17.58 -19.09 2.23
N ASP A 9 16.52 -19.90 2.42
CA ASP A 9 15.25 -19.76 1.71
C ASP A 9 14.51 -18.48 2.09
N GLN A 10 14.51 -18.13 3.39
CA GLN A 10 13.88 -16.90 3.90
C GLN A 10 14.65 -15.65 3.46
N GLN A 11 16.00 -15.72 3.41
CA GLN A 11 16.84 -14.60 2.96
C GLN A 11 16.55 -14.31 1.48
N THR A 12 16.40 -15.38 0.67
CA THR A 12 16.11 -15.28 -0.75
C THR A 12 14.82 -14.54 -0.96
N LEU A 13 13.75 -14.97 -0.27
CA LEU A 13 12.42 -14.38 -0.31
C LEU A 13 12.50 -12.89 0.06
N LEU A 14 13.19 -12.56 1.17
CA LEU A 14 13.37 -11.18 1.62
C LEU A 14 14.12 -10.34 0.57
N HIS A 15 15.17 -10.90 -0.04
CA HIS A 15 15.95 -10.21 -1.08
C HIS A 15 15.10 -9.81 -2.26
N PHE A 16 14.32 -10.76 -2.79
CA PHE A 16 13.40 -10.57 -3.92
C PHE A 16 12.35 -9.49 -3.62
N ILE A 17 11.82 -9.48 -2.38
CA ILE A 17 10.82 -8.52 -1.95
C ILE A 17 11.42 -7.13 -1.81
N MET A 18 12.62 -7.03 -1.22
CA MET A 18 13.33 -5.77 -1.03
C MET A 18 13.67 -5.12 -2.36
N ASP A 19 14.17 -5.94 -3.31
CA ASP A 19 14.51 -5.49 -4.65
C ASP A 19 13.31 -4.83 -5.31
N SER A 20 12.18 -5.52 -5.34
CA SER A 20 10.94 -5.01 -5.90
C SER A 20 10.44 -3.73 -5.15
N TYR A 21 10.61 -3.68 -3.81
CA TYR A 21 10.25 -2.50 -3.01
C TYR A 21 11.13 -1.30 -3.30
N ASN A 22 12.46 -1.50 -3.45
CA ASN A 22 13.40 -0.42 -3.78
C ASN A 22 13.20 0.17 -5.19
N LYS A 23 12.73 -0.64 -6.16
CA LYS A 23 12.47 -0.21 -7.55
C LYS A 23 11.25 0.74 -7.66
N GLN A 24 10.48 0.89 -6.56
CA GLN A 24 9.33 1.79 -6.48
C GLN A 24 9.87 3.22 -6.33
N ARG A 25 9.27 4.15 -7.09
CA ARG A 25 9.63 5.56 -7.08
C ARG A 25 8.40 6.42 -7.34
N MET A 26 8.19 7.44 -6.47
CA MET A 26 7.14 8.44 -6.69
C MET A 26 7.83 9.47 -7.57
N PRO A 27 7.30 9.76 -8.79
CA PRO A 27 7.95 10.74 -9.66
C PRO A 27 8.12 12.11 -9.01
N GLN A 28 9.20 12.81 -9.38
CA GLN A 28 9.52 14.16 -8.89
C GLN A 28 8.47 15.14 -9.40
N GLU A 29 7.88 14.88 -10.61
CA GLU A 29 6.83 15.68 -11.23
C GLU A 29 5.64 15.87 -10.29
N ILE A 30 5.30 14.78 -9.54
CA ILE A 30 4.24 14.73 -8.56
C ILE A 30 4.61 15.55 -7.30
N THR A 31 5.82 15.35 -6.72
CA THR A 31 6.26 16.10 -5.54
C THR A 31 6.26 17.60 -5.80
N ASN A 32 6.59 18.00 -7.04
CA ASN A 32 6.64 19.38 -7.52
C ASN A 32 5.24 19.99 -7.52
N LYS A 33 4.22 19.26 -8.01
CA LYS A 33 2.82 19.67 -8.05
C LYS A 33 2.29 19.98 -6.65
N ILE A 34 2.70 19.16 -5.63
CA ILE A 34 2.36 19.34 -4.21
C ILE A 34 2.88 20.71 -3.76
N LEU A 35 4.06 21.10 -4.27
CA LEU A 35 4.68 22.37 -3.92
C LEU A 35 4.20 23.57 -4.74
N LYS A 36 3.96 23.42 -6.07
CA LYS A 36 3.67 24.52 -7.00
C LYS A 36 2.23 24.78 -7.47
N GLU A 37 1.39 23.74 -7.66
CA GLU A 37 0.04 23.90 -8.20
C GLU A 37 -0.89 24.79 -7.36
N ALA A 38 -1.93 25.38 -7.99
CA ALA A 38 -2.89 26.27 -7.35
C ALA A 38 -3.57 25.63 -6.15
N PHE A 39 -3.89 26.43 -5.12
CA PHE A 39 -4.54 25.94 -3.93
C PHE A 39 -6.04 26.22 -3.91
N SER A 40 -6.82 25.17 -4.19
CA SER A 40 -8.29 25.18 -4.21
C SER A 40 -8.76 23.72 -4.10
N ALA A 41 -10.00 23.52 -3.59
CA ALA A 41 -10.63 22.21 -3.40
C ALA A 41 -10.57 21.32 -4.65
N GLU A 42 -10.86 21.88 -5.84
CA GLU A 42 -10.82 21.14 -7.11
C GLU A 42 -9.38 20.75 -7.52
N GLU A 43 -8.40 21.68 -7.41
CA GLU A 43 -7.00 21.44 -7.74
C GLU A 43 -6.35 20.47 -6.77
N ASN A 44 -6.64 20.60 -5.45
CA ASN A 44 -6.13 19.74 -4.40
C ASN A 44 -6.64 18.31 -4.58
N PHE A 45 -7.96 18.15 -4.82
CA PHE A 45 -8.56 16.85 -5.07
C PHE A 45 -7.95 16.21 -6.34
N LEU A 46 -7.65 17.03 -7.35
CA LEU A 46 -7.04 16.53 -8.58
C LEU A 46 -5.59 16.04 -8.40
N ILE A 47 -4.78 16.70 -7.53
CA ILE A 47 -3.41 16.28 -7.20
C ILE A 47 -3.46 14.91 -6.49
N LEU A 48 -4.40 14.73 -5.55
CA LEU A 48 -4.56 13.49 -4.81
C LEU A 48 -4.95 12.36 -5.75
N THR A 49 -5.84 12.66 -6.72
CA THR A 49 -6.29 11.71 -7.74
C THR A 49 -5.09 11.22 -8.57
N GLU A 50 -4.16 12.14 -8.89
CA GLU A 50 -2.93 11.85 -9.64
C GLU A 50 -2.01 10.96 -8.83
N MET A 51 -1.79 11.29 -7.54
CA MET A 51 -0.96 10.53 -6.61
C MET A 51 -1.54 9.14 -6.44
N ALA A 52 -2.89 9.03 -6.33
CA ALA A 52 -3.61 7.76 -6.19
C ALA A 52 -3.39 6.83 -7.38
N THR A 53 -3.48 7.36 -8.60
CA THR A 53 -3.26 6.65 -9.87
C THR A 53 -1.84 6.14 -9.96
N ASN A 54 -0.87 6.99 -9.58
CA ASN A 54 0.53 6.62 -9.53
C ASN A 54 0.79 5.51 -8.52
N HIS A 55 0.20 5.59 -7.30
CA HIS A 55 0.36 4.55 -6.28
C HIS A 55 -0.06 3.20 -6.83
N VAL A 56 -1.22 3.16 -7.50
CA VAL A 56 -1.77 1.94 -8.10
C VAL A 56 -0.80 1.36 -9.14
N GLN A 57 -0.22 2.23 -9.99
CA GLN A 57 0.75 1.80 -10.99
C GLN A 57 1.99 1.19 -10.34
N VAL A 58 2.50 1.83 -9.29
CA VAL A 58 3.66 1.43 -8.50
C VAL A 58 3.40 0.08 -7.80
N LEU A 59 2.20 -0.06 -7.21
CA LEU A 59 1.75 -1.25 -6.48
C LEU A 59 1.52 -2.44 -7.41
N VAL A 60 1.00 -2.22 -8.64
CA VAL A 60 0.84 -3.30 -9.63
C VAL A 60 2.22 -3.86 -10.03
N GLU A 61 3.20 -2.95 -10.28
CA GLU A 61 4.57 -3.31 -10.65
C GLU A 61 5.26 -4.09 -9.52
N PHE A 62 5.09 -3.67 -8.25
CA PHE A 62 5.62 -4.34 -7.06
C PHE A 62 5.01 -5.75 -6.91
N THR A 63 3.67 -5.86 -7.05
CA THR A 63 2.91 -7.10 -6.90
C THR A 63 3.35 -8.20 -7.88
N LYS A 64 3.51 -7.86 -9.17
CA LYS A 64 3.89 -8.81 -10.24
C LYS A 64 5.22 -9.49 -9.93
N LYS A 65 6.12 -8.77 -9.25
CA LYS A 65 7.45 -9.26 -8.89
C LYS A 65 7.48 -10.05 -7.58
N LEU A 66 6.34 -10.16 -6.86
CA LEU A 66 6.29 -10.87 -5.57
C LEU A 66 6.48 -12.35 -5.80
N PRO A 67 7.32 -13.05 -5.01
CA PRO A 67 7.56 -14.48 -5.28
C PRO A 67 6.31 -15.33 -5.22
N GLY A 68 5.96 -15.91 -6.36
CA GLY A 68 4.81 -16.78 -6.54
C GLY A 68 3.55 -16.10 -7.04
N PHE A 69 3.50 -14.77 -7.07
CA PHE A 69 2.29 -14.08 -7.55
C PHE A 69 1.89 -14.51 -8.97
N GLN A 70 2.89 -14.67 -9.86
CA GLN A 70 2.68 -15.05 -11.26
C GLN A 70 2.28 -16.49 -11.43
N THR A 71 2.48 -17.34 -10.40
CA THR A 71 2.07 -18.74 -10.43
C THR A 71 0.55 -18.84 -10.20
N LEU A 72 -0.10 -17.76 -9.69
CA LEU A 72 -1.54 -17.75 -9.44
C LEU A 72 -2.36 -17.62 -10.72
N ASP A 73 -3.65 -18.04 -10.65
CA ASP A 73 -4.59 -17.90 -11.76
C ASP A 73 -4.79 -16.41 -12.00
N HIS A 74 -4.88 -16.00 -13.28
CA HIS A 74 -5.05 -14.61 -13.70
C HIS A 74 -6.23 -13.90 -13.03
N GLU A 75 -7.34 -14.62 -12.85
CA GLU A 75 -8.55 -14.09 -12.20
C GLU A 75 -8.31 -13.85 -10.71
N ASP A 76 -7.49 -14.70 -10.06
CA ASP A 76 -7.10 -14.58 -8.65
C ASP A 76 -6.17 -13.37 -8.49
N GLN A 77 -5.26 -13.17 -9.47
CA GLN A 77 -4.34 -12.04 -9.53
C GLN A 77 -5.06 -10.69 -9.49
N ILE A 78 -6.19 -10.57 -10.23
CA ILE A 78 -7.03 -9.36 -10.33
C ILE A 78 -7.81 -9.11 -9.04
N ALA A 79 -8.40 -10.20 -8.46
CA ALA A 79 -9.13 -10.17 -7.19
C ALA A 79 -8.21 -9.70 -6.04
N LEU A 80 -6.92 -10.10 -6.05
CA LEU A 80 -5.94 -9.68 -5.05
C LEU A 80 -5.68 -8.18 -5.18
N LEU A 81 -5.43 -7.69 -6.41
CA LEU A 81 -5.19 -6.29 -6.72
C LEU A 81 -6.38 -5.38 -6.36
N LYS A 82 -7.58 -5.84 -6.69
CA LYS A 82 -8.81 -5.11 -6.42
C LYS A 82 -9.18 -5.13 -4.95
N GLY A 83 -8.97 -6.26 -4.29
CA GLY A 83 -9.26 -6.40 -2.86
C GLY A 83 -8.31 -5.67 -1.92
N SER A 84 -7.02 -5.63 -2.25
CA SER A 84 -5.99 -5.04 -1.38
C SER A 84 -5.60 -3.60 -1.69
N ALA A 85 -6.15 -3.02 -2.80
CA ALA A 85 -5.87 -1.68 -3.31
C ALA A 85 -5.80 -0.59 -2.25
N VAL A 86 -6.95 -0.29 -1.62
CA VAL A 86 -7.13 0.74 -0.60
C VAL A 86 -6.11 0.56 0.52
N GLU A 87 -6.00 -0.66 1.07
CA GLU A 87 -5.08 -1.01 2.14
C GLU A 87 -3.61 -0.79 1.74
N ALA A 88 -3.19 -1.29 0.56
CA ALA A 88 -1.82 -1.16 0.08
C ALA A 88 -1.47 0.30 -0.19
N MET A 89 -2.44 1.10 -0.68
CA MET A 89 -2.26 2.53 -0.98
C MET A 89 -2.03 3.32 0.28
N PHE A 90 -2.83 3.10 1.33
CA PHE A 90 -2.64 3.81 2.60
C PHE A 90 -1.30 3.51 3.22
N LEU A 91 -0.85 2.25 3.14
CA LEU A 91 0.45 1.81 3.62
C LEU A 91 1.58 2.55 2.88
N ARG A 92 1.46 2.68 1.55
CA ARG A 92 2.43 3.38 0.73
C ARG A 92 2.40 4.91 1.04
N SER A 93 1.19 5.48 1.16
CA SER A 93 1.05 6.91 1.43
C SER A 93 1.60 7.29 2.80
N ALA A 94 1.50 6.37 3.80
CA ALA A 94 2.07 6.54 5.13
C ALA A 94 3.60 6.64 5.03
N GLU A 95 4.23 5.74 4.26
CA GLU A 95 5.69 5.77 4.11
C GLU A 95 6.14 7.05 3.41
N ILE A 96 5.40 7.49 2.37
CA ILE A 96 5.68 8.72 1.63
C ILE A 96 5.56 9.91 2.59
N PHE A 97 4.46 9.97 3.35
CA PHE A 97 4.21 11.05 4.30
C PHE A 97 5.23 11.12 5.45
N ASN A 98 5.51 9.97 6.09
CA ASN A 98 6.42 9.88 7.23
C ASN A 98 7.90 9.85 6.91
N LYS A 99 8.30 9.16 5.83
CA LYS A 99 9.72 8.96 5.52
C LYS A 99 10.25 9.56 4.23
N LYS A 100 9.46 9.57 3.14
CA LYS A 100 9.97 10.00 1.83
C LYS A 100 9.93 11.50 1.57
N LEU A 101 8.90 12.22 2.06
CA LEU A 101 8.81 13.65 1.79
C LEU A 101 9.61 14.51 2.76
N PRO A 102 10.21 15.65 2.29
CA PRO A 102 10.84 16.60 3.24
C PRO A 102 9.76 17.20 4.14
N SER A 103 10.13 17.62 5.37
CA SER A 103 9.20 18.18 6.38
C SER A 103 8.30 19.34 5.89
N GLY A 104 8.82 20.18 4.99
CA GLY A 104 8.06 21.28 4.41
C GLY A 104 6.97 20.82 3.46
N HIS A 105 7.29 19.77 2.66
CA HIS A 105 6.40 19.14 1.68
C HIS A 105 5.23 18.42 2.33
N SER A 106 5.48 17.70 3.46
CA SER A 106 4.48 16.97 4.25
C SER A 106 3.38 17.94 4.68
N ASP A 107 3.81 19.10 5.25
CA ASP A 107 2.98 20.20 5.72
C ASP A 107 2.08 20.73 4.62
N LEU A 108 2.63 20.93 3.40
CA LEU A 108 1.85 21.43 2.24
C LEU A 108 0.87 20.37 1.78
N LEU A 109 1.27 19.10 1.84
CA LEU A 109 0.41 17.99 1.45
C LEU A 109 -0.79 17.84 2.41
N GLU A 110 -0.54 17.96 3.74
CA GLU A 110 -1.60 17.92 4.76
C GLU A 110 -2.61 19.04 4.49
N ALA A 111 -2.10 20.25 4.21
CA ALA A 111 -2.89 21.44 3.87
C ALA A 111 -3.77 21.18 2.63
N ARG A 112 -3.23 20.44 1.64
CA ARG A 112 -3.98 20.09 0.44
C ARG A 112 -5.05 19.05 0.74
N ILE A 113 -4.70 18.02 1.52
CA ILE A 113 -5.58 16.93 1.94
C ILE A 113 -6.78 17.49 2.71
N ARG A 114 -6.51 18.32 3.74
CA ARG A 114 -7.52 18.96 4.59
C ARG A 114 -8.43 19.97 3.86
N ASN A 115 -7.98 20.47 2.68
CA ASN A 115 -8.73 21.43 1.86
C ASN A 115 -8.97 20.85 0.45
N SER A 116 -9.53 19.63 0.37
CA SER A 116 -9.77 18.95 -0.90
C SER A 116 -11.22 18.48 -1.14
N GLY A 117 -12.09 18.65 -0.14
CA GLY A 117 -13.48 18.23 -0.21
C GLY A 117 -13.78 16.91 0.48
N ILE A 118 -12.72 16.22 0.92
CA ILE A 118 -12.81 14.94 1.62
C ILE A 118 -13.18 15.24 3.09
N SER A 119 -14.14 14.48 3.67
CA SER A 119 -14.59 14.72 5.05
C SER A 119 -13.51 14.42 6.08
N ASP A 120 -13.52 15.13 7.21
CA ASP A 120 -12.58 14.95 8.31
C ASP A 120 -12.78 13.59 8.99
N GLU A 121 -13.97 12.97 8.78
CA GLU A 121 -14.37 11.64 9.24
C GLU A 121 -13.42 10.58 8.62
N TYR A 122 -12.87 10.89 7.43
CA TYR A 122 -11.93 10.05 6.69
C TYR A 122 -10.50 10.49 7.01
N ILE A 123 -10.24 11.79 6.91
CA ILE A 123 -8.93 12.43 7.07
C ILE A 123 -8.33 12.25 8.47
N THR A 124 -9.16 12.31 9.54
CA THR A 124 -8.70 12.20 10.94
C THR A 124 -8.14 10.78 11.21
N PRO A 125 -8.83 9.63 10.94
CA PRO A 125 -8.18 8.33 11.22
C PRO A 125 -6.98 8.05 10.32
N MET A 126 -6.94 8.67 9.11
CA MET A 126 -5.82 8.54 8.18
C MET A 126 -4.55 9.08 8.83
N PHE A 127 -4.60 10.30 9.40
CA PHE A 127 -3.46 10.94 10.05
C PHE A 127 -3.10 10.27 11.35
N SER A 128 -4.12 9.71 12.06
CA SER A 128 -3.88 8.96 13.29
C SER A 128 -3.13 7.69 12.92
N PHE A 129 -3.56 6.99 11.84
CA PHE A 129 -2.86 5.82 11.31
C PHE A 129 -1.42 6.18 10.92
N TYR A 130 -1.21 7.34 10.25
CA TYR A 130 0.11 7.81 9.83
C TYR A 130 1.02 8.01 11.02
N LYS A 131 0.50 8.65 12.11
CA LYS A 131 1.24 8.89 13.35
C LYS A 131 1.55 7.54 14.00
N SER A 132 0.54 6.65 14.09
CA SER A 132 0.64 5.31 14.65
C SER A 132 1.69 4.44 13.93
N ILE A 133 1.75 4.51 12.59
CA ILE A 133 2.75 3.73 11.88
C ILE A 133 4.13 4.42 12.02
N GLY A 134 4.16 5.75 12.11
CA GLY A 134 5.39 6.50 12.31
C GLY A 134 6.05 6.21 13.65
N GLU A 135 5.23 5.96 14.70
CA GLU A 135 5.67 5.66 16.07
C GLU A 135 6.49 4.36 16.16
N LEU A 136 6.14 3.35 15.34
CA LEU A 136 6.81 2.04 15.33
C LEU A 136 8.23 2.07 14.81
N LYS A 137 8.63 3.12 14.07
CA LYS A 137 9.98 3.26 13.49
C LYS A 137 10.35 1.97 12.69
N MET A 138 9.47 1.62 11.77
CA MET A 138 9.58 0.45 10.91
C MET A 138 10.72 0.58 9.95
N THR A 139 11.43 -0.52 9.74
CA THR A 139 12.51 -0.60 8.77
C THR A 139 11.86 -0.66 7.38
N GLN A 140 12.67 -0.53 6.31
CA GLN A 140 12.17 -0.66 4.95
C GLN A 140 11.72 -2.12 4.71
N GLU A 141 12.40 -3.10 5.37
CA GLU A 141 12.07 -4.54 5.29
C GLU A 141 10.66 -4.78 5.82
N GLU A 142 10.34 -4.18 6.97
CA GLU A 142 9.02 -4.28 7.58
C GLU A 142 7.94 -3.66 6.70
N TYR A 143 8.19 -2.48 6.06
CA TYR A 143 7.21 -1.87 5.17
C TYR A 143 6.95 -2.74 3.94
N ALA A 144 8.02 -3.29 3.33
CA ALA A 144 7.98 -4.18 2.17
C ALA A 144 7.20 -5.45 2.49
N LEU A 145 7.53 -6.13 3.61
CA LEU A 145 6.86 -7.37 4.01
C LEU A 145 5.40 -7.15 4.34
N LEU A 146 5.07 -6.06 5.07
CA LEU A 146 3.68 -5.73 5.40
C LEU A 146 2.89 -5.46 4.14
N THR A 147 3.48 -4.75 3.17
CA THR A 147 2.84 -4.44 1.90
C THR A 147 2.58 -5.73 1.16
N ALA A 148 3.59 -6.61 1.09
CA ALA A 148 3.43 -7.90 0.42
C ALA A 148 2.36 -8.75 1.15
N ILE A 149 2.28 -8.69 2.50
CA ILE A 149 1.29 -9.43 3.31
C ILE A 149 -0.14 -8.92 3.06
N VAL A 150 -0.33 -7.57 2.98
CA VAL A 150 -1.60 -6.91 2.68
C VAL A 150 -2.10 -7.37 1.30
N ILE A 151 -1.21 -7.35 0.29
CA ILE A 151 -1.53 -7.72 -1.09
C ILE A 151 -1.86 -9.22 -1.22
N LEU A 152 -1.12 -10.08 -0.54
CA LEU A 152 -1.36 -11.51 -0.66
C LEU A 152 -2.30 -12.05 0.45
N SER A 153 -3.33 -11.24 0.82
CA SER A 153 -4.36 -11.60 1.79
C SER A 153 -5.28 -12.63 1.16
N PRO A 154 -5.40 -13.83 1.75
CA PRO A 154 -6.25 -14.85 1.13
C PRO A 154 -7.76 -14.65 1.32
N ASP A 155 -8.18 -13.65 2.10
CA ASP A 155 -9.60 -13.50 2.38
C ASP A 155 -10.26 -12.30 1.65
N ARG A 156 -9.82 -12.02 0.41
CA ARG A 156 -10.47 -10.98 -0.40
C ARG A 156 -11.63 -11.66 -1.12
N GLN A 157 -12.63 -10.88 -1.51
CA GLN A 157 -13.76 -11.40 -2.27
C GLN A 157 -13.29 -11.87 -3.65
N TYR A 158 -14.01 -12.86 -4.21
CA TYR A 158 -13.86 -13.39 -5.56
C TYR A 158 -12.53 -14.14 -5.83
N ILE A 159 -11.87 -14.68 -4.79
CA ILE A 159 -10.67 -15.50 -4.95
C ILE A 159 -11.16 -16.95 -5.12
N LYS A 160 -10.73 -17.61 -6.20
CA LYS A 160 -11.11 -18.99 -6.55
C LYS A 160 -10.34 -20.02 -5.73
N ASP A 161 -8.99 -19.86 -5.68
CA ASP A 161 -8.06 -20.75 -5.02
C ASP A 161 -7.34 -20.03 -3.86
N ARG A 162 -8.05 -19.93 -2.73
CA ARG A 162 -7.63 -19.30 -1.48
C ARG A 162 -6.37 -19.99 -0.89
N GLU A 163 -6.30 -21.33 -0.99
CA GLU A 163 -5.19 -22.15 -0.46
C GLU A 163 -3.86 -21.81 -1.11
N ALA A 164 -3.87 -21.56 -2.44
CA ALA A 164 -2.66 -21.18 -3.19
C ALA A 164 -2.19 -19.80 -2.73
N VAL A 165 -3.12 -18.90 -2.35
CA VAL A 165 -2.80 -17.57 -1.86
C VAL A 165 -2.17 -17.66 -0.45
N GLU A 166 -2.73 -18.55 0.42
CA GLU A 166 -2.28 -18.82 1.78
C GLU A 166 -0.82 -19.29 1.76
N LYS A 167 -0.49 -20.19 0.83
CA LYS A 167 0.85 -20.74 0.66
C LYS A 167 1.90 -19.68 0.29
N LEU A 168 1.45 -18.53 -0.26
CA LEU A 168 2.34 -17.42 -0.61
C LEU A 168 2.46 -16.44 0.54
N GLN A 169 1.34 -16.16 1.25
CA GLN A 169 1.30 -15.24 2.38
C GLN A 169 1.97 -15.76 3.64
N GLU A 170 1.74 -17.04 3.98
CA GLU A 170 2.24 -17.65 5.21
C GLU A 170 3.79 -17.55 5.36
N PRO A 171 4.65 -17.96 4.38
CA PRO A 171 6.11 -17.74 4.56
C PRO A 171 6.51 -16.28 4.77
N LEU A 172 5.74 -15.31 4.21
CA LEU A 172 5.98 -13.88 4.40
C LEU A 172 5.68 -13.48 5.83
N LEU A 173 4.59 -14.05 6.42
CA LEU A 173 4.26 -13.78 7.81
C LEU A 173 5.36 -14.33 8.71
N ASP A 174 5.89 -15.54 8.36
CA ASP A 174 6.99 -16.23 9.09
C ASP A 174 8.27 -15.39 9.08
N VAL A 175 8.63 -14.80 7.91
CA VAL A 175 9.80 -13.93 7.70
C VAL A 175 9.69 -12.66 8.57
N LEU A 176 8.53 -11.98 8.55
CA LEU A 176 8.28 -10.76 9.32
C LEU A 176 8.45 -10.98 10.83
N GLN A 177 7.84 -12.05 11.36
CA GLN A 177 7.95 -12.39 12.77
C GLN A 177 9.42 -12.66 13.12
N LYS A 178 10.15 -13.39 12.27
CA LYS A 178 11.57 -13.71 12.50
C LYS A 178 12.41 -12.43 12.52
N LEU A 179 12.13 -11.49 11.61
CA LEU A 179 12.79 -10.18 11.54
C LEU A 179 12.56 -9.36 12.80
N CYS A 180 11.32 -9.42 13.35
CA CYS A 180 10.96 -8.71 14.58
C CYS A 180 11.81 -9.22 15.75
N LYS A 181 12.04 -10.56 15.81
CA LYS A 181 12.84 -11.21 16.84
C LYS A 181 14.32 -10.84 16.74
N ILE A 182 14.84 -10.77 15.50
CA ILE A 182 16.23 -10.43 15.17
C ILE A 182 16.53 -8.94 15.43
N HIS A 183 15.75 -8.02 14.82
CA HIS A 183 15.95 -6.58 14.92
C HIS A 183 15.54 -5.97 16.26
N GLN A 184 14.40 -6.39 16.82
CA GLN A 184 13.91 -5.89 18.10
C GLN A 184 13.82 -7.00 19.17
N PRO A 185 14.95 -7.52 19.72
CA PRO A 185 14.84 -8.58 20.73
C PRO A 185 14.52 -8.04 22.12
N ASN A 187 12.30 -5.65 22.64
CA ASN A 187 10.87 -5.41 22.45
C ASN A 187 10.14 -6.63 21.85
N PRO A 188 9.77 -7.64 22.69
CA PRO A 188 9.12 -8.86 22.17
C PRO A 188 7.69 -8.72 21.61
N GLN A 189 7.05 -7.55 21.73
CA GLN A 189 5.68 -7.33 21.23
C GLN A 189 5.63 -6.56 19.92
N HIS A 190 6.80 -6.34 19.31
CA HIS A 190 6.90 -5.60 18.05
C HIS A 190 6.04 -6.18 16.93
N PHE A 191 6.02 -7.53 16.77
CA PHE A 191 5.23 -8.21 15.74
C PHE A 191 3.74 -7.95 15.93
N ALA A 192 3.24 -8.05 17.17
CA ALA A 192 1.84 -7.81 17.56
C ALA A 192 1.40 -6.40 17.18
N CYS A 193 2.31 -5.41 17.32
CA CYS A 193 2.11 -4.01 16.96
C CYS A 193 1.97 -3.83 15.46
N LEU A 194 2.79 -4.55 14.67
CA LEU A 194 2.72 -4.56 13.20
C LEU A 194 1.39 -5.13 12.76
N LEU A 195 0.94 -6.23 13.43
CA LEU A 195 -0.34 -6.88 13.16
C LEU A 195 -1.47 -5.90 13.44
N GLY A 196 -1.30 -5.07 14.47
CA GLY A 196 -2.25 -4.02 14.82
C GLY A 196 -2.47 -3.01 13.70
N ARG A 197 -1.43 -2.78 12.88
CA ARG A 197 -1.49 -1.87 11.73
C ARG A 197 -2.24 -2.51 10.60
N LEU A 198 -2.14 -3.86 10.47
CA LEU A 198 -2.86 -4.62 9.44
C LEU A 198 -4.37 -4.50 9.65
N THR A 199 -4.83 -4.61 10.92
CA THR A 199 -6.25 -4.51 11.29
C THR A 199 -6.69 -3.05 11.22
N GLU A 200 -5.75 -2.10 11.49
CA GLU A 200 -6.05 -0.67 11.41
C GLU A 200 -6.27 -0.24 9.95
N LEU A 201 -5.52 -0.86 9.00
CA LEU A 201 -5.65 -0.61 7.56
C LEU A 201 -6.98 -1.09 7.03
N ARG A 202 -7.53 -2.18 7.60
CA ARG A 202 -8.80 -2.79 7.21
C ARG A 202 -9.98 -1.83 7.39
N THR A 203 -9.94 -0.98 8.46
CA THR A 203 -10.96 0.03 8.74
C THR A 203 -11.07 1.04 7.59
N PHE A 204 -9.98 1.26 6.83
CA PHE A 204 -9.95 2.19 5.68
C PHE A 204 -10.79 1.75 4.51
N ASN A 205 -11.09 0.44 4.38
CA ASN A 205 -12.01 -0.05 3.32
C ASN A 205 -13.40 0.58 3.57
N HIS A 206 -13.83 0.61 4.86
CA HIS A 206 -15.10 1.17 5.31
C HIS A 206 -15.19 2.69 5.11
N HIS A 207 -14.15 3.47 5.50
CA HIS A 207 -14.14 4.94 5.31
C HIS A 207 -14.14 5.30 3.83
N HIS A 208 -13.42 4.53 2.99
CA HIS A 208 -13.32 4.74 1.53
C HIS A 208 -14.64 4.43 0.84
N ALA A 209 -15.34 3.37 1.30
CA ALA A 209 -16.62 2.94 0.73
C ALA A 209 -17.68 4.02 0.93
N GLU A 210 -17.70 4.65 2.13
CA GLU A 210 -18.65 5.73 2.46
C GLU A 210 -18.32 7.01 1.71
N MET A 211 -17.02 7.21 1.38
CA MET A 211 -16.58 8.37 0.62
C MET A 211 -17.05 8.24 -0.84
N LEU A 212 -16.87 7.05 -1.44
CA LEU A 212 -17.25 6.76 -2.83
C LEU A 212 -18.72 7.03 -3.15
N MET A 213 -19.62 6.80 -2.17
CA MET A 213 -21.08 7.03 -2.34
C MET A 213 -21.42 8.51 -2.56
N SER A 214 -20.76 9.41 -1.80
CA SER A 214 -20.95 10.86 -1.89
C SER A 214 -19.85 11.51 -2.74
N HIS A 220 -17.40 9.83 -13.14
CA HIS A 220 -15.98 9.58 -13.43
C HIS A 220 -15.13 10.82 -13.07
N LYS A 221 -15.21 11.23 -11.78
CA LYS A 221 -14.48 12.36 -11.20
C LYS A 221 -13.01 11.91 -10.91
N PHE A 222 -12.72 10.60 -11.07
CA PHE A 222 -11.41 10.00 -10.80
C PHE A 222 -10.66 9.70 -12.12
N THR A 223 -10.01 8.52 -12.22
CA THR A 223 -9.26 8.07 -13.39
C THR A 223 -9.75 6.66 -13.76
N PRO A 224 -9.52 6.17 -15.01
CA PRO A 224 -9.99 4.82 -15.37
C PRO A 224 -9.38 3.70 -14.52
N LEU A 225 -8.12 3.87 -14.08
CA LEU A 225 -7.45 2.88 -13.22
C LEU A 225 -8.09 2.89 -11.82
N LEU A 226 -8.42 4.08 -11.30
CA LEU A 226 -9.08 4.23 -10.00
C LEU A 226 -10.50 3.65 -10.00
N CYS A 227 -11.28 3.90 -11.09
CA CYS A 227 -12.65 3.38 -11.26
C CYS A 227 -12.64 1.85 -11.38
N GLU A 228 -11.63 1.29 -12.07
CA GLU A 228 -11.48 -0.15 -12.23
C GLU A 228 -11.08 -0.84 -10.92
N ILE A 229 -10.00 -0.38 -10.27
CA ILE A 229 -9.49 -1.00 -9.05
C ILE A 229 -10.45 -0.78 -7.84
N TRP A 230 -11.17 0.34 -7.80
CA TRP A 230 -12.12 0.63 -6.72
C TRP A 230 -13.52 0.25 -7.18
N ASP B 2 -14.46 -4.91 -18.44
CA ASP B 2 -14.02 -4.58 -17.08
C ASP B 2 -12.54 -4.95 -16.84
N HIS B 3 -11.83 -4.11 -16.03
CA HIS B 3 -10.42 -4.23 -15.63
C HIS B 3 -9.44 -4.32 -16.82
N GLN B 4 -9.75 -3.60 -17.92
CA GLN B 4 -8.94 -3.55 -19.14
C GLN B 4 -7.58 -2.87 -18.88
N LEU B 5 -7.60 -1.74 -18.16
CA LEU B 5 -6.39 -0.99 -17.83
C LEU B 5 -5.55 -1.77 -16.83
N LEU B 6 -6.23 -2.39 -15.83
CA LEU B 6 -5.61 -3.21 -14.80
C LEU B 6 -4.93 -4.45 -15.41
N ARG B 7 -5.62 -5.14 -16.36
CA ARG B 7 -5.09 -6.29 -17.10
C ARG B 7 -3.86 -5.90 -17.91
N TYR B 8 -3.88 -4.71 -18.51
CA TYR B 8 -2.78 -4.23 -19.34
C TYR B 8 -1.50 -4.09 -18.50
N LEU B 9 -1.61 -3.46 -17.30
CA LEU B 9 -0.48 -3.22 -16.42
C LEU B 9 0.05 -4.53 -15.83
N LEU B 10 -0.84 -5.49 -15.67
CA LEU B 10 -0.56 -6.82 -15.15
C LEU B 10 0.14 -7.69 -16.18
N ASP B 11 -0.25 -7.57 -17.46
CA ASP B 11 0.28 -8.39 -18.55
C ASP B 11 1.46 -7.75 -19.31
N LYS B 12 1.77 -6.46 -19.08
CA LYS B 12 2.87 -5.81 -19.78
C LYS B 12 4.24 -6.38 -19.33
N ASP B 13 4.93 -7.04 -20.28
CA ASP B 13 6.26 -7.67 -20.15
C ASP B 13 6.32 -8.72 -19.03
N1 9M7 C . -7.30 9.12 -1.32
C4 9M7 C . -8.16 9.87 -2.28
C5 9M7 C . -5.81 7.09 -0.93
C7 9M7 C . -8.45 9.56 0.89
C8 9M7 C . -6.55 11.08 0.09
C10 9M7 C . -9.46 9.10 -2.62
C13 9M7 C . -8.19 10.02 2.34
C15 9M7 C . -8.35 11.13 -4.49
C17 9M7 C . -3.79 8.71 -0.32
C20 9M7 C . -7.07 4.79 -0.84
C21 9M7 C . -7.62 11.44 2.39
C22 9M7 C . -9.58 10.30 -4.85
C24 9M7 C . -3.44 9.29 0.91
C28 9M7 C . -2.35 11.08 -0.21
C12 9M7 C . -6.00 5.78 -0.56
O19 9M7 C . -4.97 5.37 0.19
N18 9M7 C . -4.05 6.44 0.35
C11 9M7 C . -4.56 7.45 -0.32
C27 9M7 C . -2.72 10.47 0.97
CL29 9M7 C . -1.45 12.55 -0.16
C25 9M7 C . -2.67 10.56 -1.45
C23 9M7 C . -3.39 9.38 -1.49
CL26 9M7 C . -3.77 8.76 -3.05
C2 9M7 C . -6.70 7.97 -1.78
O6 9M7 C . -6.86 7.54 -2.94
C3 9M7 C . -7.17 9.67 0.04
C14 9M7 C . -6.32 11.53 1.54
C9 9M7 C . -7.41 10.36 -3.54
C16 9M7 C . -10.35 9.89 -3.60
#